data_1HB1
#
_entry.id   1HB1
#
_cell.length_a   46.750
_cell.length_b   71.121
_cell.length_c   100.927
_cell.angle_alpha   90.00
_cell.angle_beta   90.00
_cell.angle_gamma   90.00
#
_symmetry.space_group_name_H-M   'P 21 21 21'
#
loop_
_entity.id
_entity.type
_entity.pdbx_description
1 polymer 'ISOPENICILLIN N SYNTHASE'
2 non-polymer N6-[(1R)-2-{[(1R)-1-CARBOXY-2-METHYLPROPYL]OXY}-1-(MERCAPTOMETHYL)-2-OXOETHYL]-6-OXO-D-LYSINE
3 non-polymer 'SULFATE ION'
4 non-polymer 'FE (II) ION'
5 water water
#
_entity_poly.entity_id   1
_entity_poly.type   'polypeptide(L)'
_entity_poly.pdbx_seq_one_letter_code
;MGSVSKANVPKIDVSPLFGDDQAAKMRVAQQIDAASRDTGFFYAVNHGINVQRLSQKTKEFHMSITPEEKWDLAIRAYNK
EHQDQVRAGYYLSIPGKKAVESFCYLNPNFTPDHPRIQAKTPTHEVNVWPDETKHPGFQDFAEQYYWDVFGLSSALLKGY
ALALGKEENFFARHFKPDDTLASVVLIRYPYLDPYPEAAIKTAADGTKLSFEWHEDVSLITVLYQSNVQNLQVETAAGYQ
DIEADDTGYLINCGSYMAHLTNNYYKAPIHRVKWVNAERQSLPFFVNLGYDSVIDPFDPREPNGKSDREPLSYGDYLQNG
LVSLINKNGQT
;
_entity_poly.pdbx_strand_id   A
#
loop_
_chem_comp.id
_chem_comp.type
_chem_comp.name
_chem_comp.formula
FE2 non-polymer 'FE (II) ION' 'Fe 2'
OCV non-polymer N6-[(1R)-2-{[(1R)-1-CARBOXY-2-METHYLPROPYL]OXY}-1-(MERCAPTOMETHYL)-2-OXOETHYL]-6-OXO-D-LYSINE 'C14 H24 N2 O7 S'
SO4 non-polymer 'SULFATE ION' 'O4 S -2'
#
# COMPACT_ATOMS: atom_id res chain seq x y z
N VAL A 4 -24.73 5.32 6.83
CA VAL A 4 -23.85 4.58 5.92
C VAL A 4 -23.70 3.14 6.44
N SER A 5 -23.97 2.17 5.59
CA SER A 5 -23.87 0.76 5.96
C SER A 5 -22.43 0.31 6.14
N LYS A 6 -22.20 -0.68 7.00
CA LYS A 6 -20.85 -1.20 7.21
C LYS A 6 -20.54 -2.18 6.08
N ALA A 7 -19.35 -2.06 5.52
CA ALA A 7 -18.90 -2.93 4.46
C ALA A 7 -18.55 -4.31 5.04
N ASN A 8 -18.77 -5.34 4.23
CA ASN A 8 -18.41 -6.69 4.63
C ASN A 8 -16.93 -6.92 4.45
N VAL A 9 -16.20 -6.92 5.58
CA VAL A 9 -14.75 -7.08 5.54
C VAL A 9 -14.40 -8.20 6.51
N PRO A 10 -14.35 -9.43 5.99
CA PRO A 10 -14.09 -10.58 6.82
C PRO A 10 -12.70 -10.57 7.42
N LYS A 11 -12.55 -11.22 8.56
CA LYS A 11 -11.23 -11.38 9.18
C LYS A 11 -10.78 -12.79 8.82
N ILE A 12 -9.69 -12.95 8.10
CA ILE A 12 -9.17 -14.23 7.67
C ILE A 12 -7.87 -14.55 8.38
N ASP A 13 -7.82 -15.71 9.01
CA ASP A 13 -6.60 -16.17 9.67
C ASP A 13 -5.67 -16.66 8.56
N VAL A 14 -4.61 -15.87 8.31
CA VAL A 14 -3.69 -16.19 7.22
C VAL A 14 -2.51 -17.02 7.69
N SER A 15 -2.51 -17.47 8.95
CA SER A 15 -1.38 -18.28 9.44
C SER A 15 -1.07 -19.54 8.67
N PRO A 16 -2.01 -20.29 8.13
CA PRO A 16 -1.66 -21.45 7.31
C PRO A 16 -0.83 -21.11 6.10
N LEU A 17 -0.86 -19.89 5.55
CA LEU A 17 -0.08 -19.53 4.38
C LEU A 17 1.41 -19.44 4.65
N PHE A 18 1.84 -19.48 5.92
CA PHE A 18 3.25 -19.51 6.26
C PHE A 18 3.74 -20.96 6.40
N GLY A 19 2.81 -21.91 6.43
CA GLY A 19 3.19 -23.31 6.67
C GLY A 19 3.12 -24.22 5.46
N ASP A 20 3.14 -25.52 5.78
CA ASP A 20 3.16 -26.58 4.77
C ASP A 20 1.93 -27.47 4.75
N ASP A 21 0.80 -27.05 5.28
CA ASP A 21 -0.44 -27.81 5.23
C ASP A 21 -1.21 -27.34 4.00
N GLN A 22 -1.10 -28.04 2.89
CA GLN A 22 -1.70 -27.60 1.63
C GLN A 22 -3.21 -27.50 1.66
N ALA A 23 -3.89 -28.42 2.34
CA ALA A 23 -5.33 -28.37 2.46
C ALA A 23 -5.76 -27.12 3.25
N ALA A 24 -5.05 -26.82 4.32
CA ALA A 24 -5.35 -25.64 5.14
C ALA A 24 -5.15 -24.38 4.29
N LYS A 25 -4.10 -24.38 3.47
CA LYS A 25 -3.85 -23.24 2.59
C LYS A 25 -4.96 -23.06 1.58
N MET A 26 -5.51 -24.15 1.02
CA MET A 26 -6.63 -24.00 0.09
C MET A 26 -7.87 -23.42 0.78
N ARG A 27 -8.11 -23.79 2.05
CA ARG A 27 -9.26 -23.22 2.74
C ARG A 27 -9.08 -21.73 2.96
N VAL A 28 -7.83 -21.28 3.18
CA VAL A 28 -7.57 -19.84 3.28
C VAL A 28 -7.75 -19.16 1.93
N ALA A 29 -7.23 -19.78 0.87
CA ALA A 29 -7.40 -19.26 -0.50
C ALA A 29 -8.87 -19.08 -0.85
N GLN A 30 -9.75 -20.00 -0.41
CA GLN A 30 -11.17 -19.83 -0.71
C GLN A 30 -11.70 -18.56 -0.03
N GLN A 31 -11.26 -18.31 1.21
CA GLN A 31 -11.71 -17.10 1.89
C GLN A 31 -11.24 -15.86 1.16
N ILE A 32 -9.99 -15.87 0.68
CA ILE A 32 -9.46 -14.77 -0.11
C ILE A 32 -10.26 -14.59 -1.40
N ASP A 33 -10.60 -15.69 -2.06
CA ASP A 33 -11.41 -15.62 -3.28
C ASP A 33 -12.76 -14.96 -2.99
N ALA A 34 -13.44 -15.40 -1.92
CA ALA A 34 -14.75 -14.86 -1.58
C ALA A 34 -14.67 -13.37 -1.28
N ALA A 35 -13.68 -12.96 -0.47
CA ALA A 35 -13.56 -11.53 -0.16
C ALA A 35 -13.21 -10.71 -1.39
N SER A 36 -12.38 -11.23 -2.30
CA SER A 36 -11.99 -10.54 -3.51
C SER A 36 -13.15 -10.38 -4.49
N ARG A 37 -14.08 -11.33 -4.47
CA ARG A 37 -15.24 -11.26 -5.37
C ARG A 37 -16.35 -10.43 -4.75
N ASP A 38 -16.31 -10.18 -3.45
CA ASP A 38 -17.35 -9.40 -2.78
C ASP A 38 -16.94 -7.92 -2.72
N THR A 39 -16.66 -7.38 -1.53
CA THR A 39 -16.29 -5.97 -1.42
C THR A 39 -14.86 -5.71 -1.89
N GLY A 40 -14.02 -6.74 -1.88
CA GLY A 40 -12.65 -6.55 -2.33
C GLY A 40 -11.72 -6.28 -1.16
N PHE A 41 -12.21 -6.33 0.07
CA PHE A 41 -11.36 -6.10 1.22
C PHE A 41 -11.49 -7.22 2.25
N PHE A 42 -10.41 -7.48 2.98
CA PHE A 42 -10.46 -8.39 4.12
C PHE A 42 -9.38 -8.00 5.13
N TYR A 43 -9.56 -8.40 6.38
CA TYR A 43 -8.48 -8.18 7.34
C TYR A 43 -7.70 -9.48 7.49
N ALA A 44 -6.39 -9.39 7.31
CA ALA A 44 -5.51 -10.51 7.57
C ALA A 44 -5.21 -10.52 9.07
N VAL A 45 -5.56 -11.59 9.76
CA VAL A 45 -5.29 -11.73 11.19
C VAL A 45 -4.35 -12.92 11.40
N ASN A 46 -3.73 -13.01 12.58
CA ASN A 46 -2.73 -14.02 12.88
C ASN A 46 -1.57 -13.94 11.88
N HIS A 47 -1.18 -12.70 11.56
CA HIS A 47 -0.17 -12.39 10.59
C HIS A 47 1.23 -12.38 11.15
N GLY A 48 1.39 -12.43 12.47
CA GLY A 48 2.71 -12.48 13.07
C GLY A 48 3.53 -11.22 13.20
N ILE A 49 3.04 -10.08 12.72
CA ILE A 49 3.81 -8.85 12.83
C ILE A 49 3.40 -8.06 14.06
N ASN A 50 4.40 -7.49 14.73
CA ASN A 50 4.17 -6.67 15.92
C ASN A 50 3.76 -5.28 15.44
N VAL A 51 2.45 -5.11 15.27
CA VAL A 51 1.92 -3.83 14.80
C VAL A 51 1.89 -2.79 15.90
N GLN A 52 1.78 -3.16 17.17
CA GLN A 52 1.82 -2.12 18.20
C GLN A 52 3.19 -1.46 18.20
N ARG A 53 4.25 -2.26 18.06
CA ARG A 53 5.61 -1.73 18.01
C ARG A 53 5.79 -0.87 16.77
N LEU A 54 5.27 -1.33 15.63
CA LEU A 54 5.32 -0.50 14.40
C LEU A 54 4.70 0.86 14.67
N SER A 55 3.51 0.88 15.26
CA SER A 55 2.83 2.13 15.56
C SER A 55 3.59 3.01 16.53
N GLN A 56 4.22 2.40 17.53
CA GLN A 56 4.99 3.20 18.50
C GLN A 56 6.25 3.79 17.89
N LYS A 57 6.98 3.01 17.09
CA LYS A 57 8.19 3.50 16.46
C LYS A 57 7.85 4.57 15.45
N THR A 58 6.71 4.39 14.74
CA THR A 58 6.30 5.41 13.75
C THR A 58 5.91 6.70 14.44
N LYS A 59 5.21 6.61 15.55
CA LYS A 59 4.78 7.79 16.31
C LYS A 59 6.00 8.56 16.82
N GLU A 60 7.00 7.82 17.32
CA GLU A 60 8.21 8.45 17.82
C GLU A 60 8.90 9.25 16.72
N PHE A 61 8.93 8.72 15.51
CA PHE A 61 9.49 9.42 14.35
C PHE A 61 8.64 10.60 13.95
N HIS A 62 7.34 10.44 13.71
CA HIS A 62 6.51 11.54 13.26
C HIS A 62 6.48 12.71 14.22
N MET A 63 6.47 12.39 15.52
CA MET A 63 6.35 13.46 16.51
C MET A 63 7.67 14.13 16.83
N SER A 64 8.80 13.55 16.44
CA SER A 64 10.07 14.19 16.76
C SER A 64 10.76 14.79 15.55
N ILE A 65 10.38 14.45 14.33
CA ILE A 65 11.06 15.07 13.18
C ILE A 65 10.74 16.56 13.12
N THR A 66 11.73 17.36 12.78
CA THR A 66 11.58 18.81 12.75
C THR A 66 11.45 19.35 11.33
N PRO A 67 11.01 20.60 11.20
CA PRO A 67 10.87 21.20 9.90
C PRO A 67 12.16 21.20 9.10
N GLU A 68 13.30 21.43 9.80
CA GLU A 68 14.59 21.42 9.16
C GLU A 68 14.85 20.07 8.49
N GLU A 69 14.61 18.99 9.24
CA GLU A 69 14.82 17.64 8.73
C GLU A 69 13.88 17.32 7.58
N LYS A 70 12.63 17.79 7.64
CA LYS A 70 11.69 17.52 6.55
C LYS A 70 12.18 18.10 5.25
N TRP A 71 12.71 19.34 5.25
CA TRP A 71 13.25 19.91 4.02
C TRP A 71 14.44 19.09 3.53
N ASP A 72 15.28 18.66 4.49
CA ASP A 72 16.49 17.93 4.13
C ASP A 72 16.22 16.54 3.59
N LEU A 73 15.03 15.99 3.86
CA LEU A 73 14.66 14.68 3.35
C LEU A 73 13.58 14.75 2.28
N ALA A 74 13.13 15.95 1.93
CA ALA A 74 11.98 16.15 1.05
C ALA A 74 12.10 15.63 -0.36
N ILE A 75 10.98 15.08 -0.88
CA ILE A 75 10.99 14.65 -2.27
C ILE A 75 11.03 15.91 -3.15
N ARG A 76 11.27 15.66 -4.42
CA ARG A 76 11.41 16.68 -5.46
C ARG A 76 10.22 17.60 -5.58
N ALA A 77 9.02 17.10 -5.36
CA ALA A 77 7.82 17.93 -5.42
C ALA A 77 7.86 19.10 -4.43
N TYR A 78 8.56 18.95 -3.31
CA TYR A 78 8.67 19.96 -2.29
C TYR A 78 10.05 20.62 -2.28
N ASN A 79 11.07 19.98 -2.82
CA ASN A 79 12.43 20.54 -2.78
C ASN A 79 13.11 20.25 -4.10
N LYS A 80 13.24 21.29 -4.93
CA LYS A 80 13.84 21.17 -6.25
C LYS A 80 15.29 20.73 -6.26
N GLU A 81 16.01 20.81 -5.15
CA GLU A 81 17.39 20.36 -5.10
C GLU A 81 17.45 18.83 -5.18
N HIS A 82 16.36 18.15 -4.83
CA HIS A 82 16.38 16.70 -4.76
C HIS A 82 15.73 16.05 -5.97
N GLN A 83 16.36 16.28 -7.13
CA GLN A 83 15.85 15.74 -8.38
C GLN A 83 15.73 14.24 -8.48
N ASP A 84 16.55 13.49 -7.75
CA ASP A 84 16.48 12.04 -7.75
C ASP A 84 15.35 11.50 -6.89
N GLN A 85 14.77 12.33 -6.02
CA GLN A 85 13.73 11.82 -5.12
C GLN A 85 12.33 12.02 -5.63
N VAL A 86 11.87 11.08 -6.45
CA VAL A 86 10.52 11.11 -6.96
C VAL A 86 9.59 10.36 -6.01
N ARG A 87 10.04 9.22 -5.51
CA ARG A 87 9.23 8.38 -4.64
C ARG A 87 9.62 8.44 -3.15
N ALA A 88 10.90 8.25 -2.88
CA ALA A 88 11.35 8.13 -1.50
C ALA A 88 11.75 9.44 -0.84
N GLY A 89 11.33 9.60 0.41
CA GLY A 89 11.66 10.79 1.18
C GLY A 89 10.42 11.35 1.87
N TYR A 90 10.56 12.60 2.32
CA TYR A 90 9.49 13.23 3.08
C TYR A 90 8.55 14.04 2.22
N TYR A 91 7.26 13.86 2.49
CA TYR A 91 6.14 14.53 1.82
C TYR A 91 5.56 15.52 2.84
N LEU A 92 5.83 16.81 2.68
CA LEU A 92 5.46 17.79 3.69
C LEU A 92 3.98 18.19 3.73
N SER A 93 3.55 18.55 4.93
CA SER A 93 2.23 19.14 5.08
C SER A 93 2.36 20.61 4.73
N ILE A 94 1.22 21.27 4.52
CA ILE A 94 1.22 22.72 4.23
C ILE A 94 0.18 23.33 5.17
N PRO A 95 0.58 23.79 6.34
CA PRO A 95 -0.34 24.32 7.35
C PRO A 95 -1.28 25.33 6.74
N GLY A 96 -2.56 25.16 7.04
CA GLY A 96 -3.61 25.99 6.47
C GLY A 96 -4.15 25.46 5.15
N LYS A 97 -3.48 24.54 4.48
CA LYS A 97 -3.90 24.04 3.18
C LYS A 97 -3.93 22.52 3.02
N LYS A 98 -2.94 21.87 3.64
CA LYS A 98 -2.82 20.41 3.47
C LYS A 98 -2.40 19.80 4.80
N ALA A 99 -3.21 18.89 5.32
CA ALA A 99 -2.90 18.36 6.65
C ALA A 99 -1.96 17.16 6.63
N VAL A 100 -2.14 16.26 5.68
CA VAL A 100 -1.38 15.02 5.66
C VAL A 100 0.11 15.25 5.39
N GLU A 101 0.95 14.42 5.98
CA GLU A 101 2.38 14.40 5.73
C GLU A 101 2.83 12.95 5.84
N SER A 102 3.94 12.61 5.20
CA SER A 102 4.36 11.20 5.24
C SER A 102 5.83 11.05 4.89
N PHE A 103 6.29 9.81 5.08
CA PHE A 103 7.66 9.40 4.77
C PHE A 103 7.61 8.10 3.98
N CYS A 104 8.15 8.08 2.77
CA CYS A 104 8.11 6.86 1.97
C CYS A 104 9.51 6.29 1.84
N TYR A 105 9.65 4.96 1.88
CA TYR A 105 10.92 4.32 1.62
C TYR A 105 10.66 3.07 0.78
N LEU A 106 11.69 2.69 0.03
CA LEU A 106 11.67 1.60 -0.90
C LEU A 106 12.56 0.46 -0.41
N ASN A 107 12.72 -0.54 -1.26
CA ASN A 107 13.59 -1.67 -0.98
C ASN A 107 14.92 -1.20 -0.42
N PRO A 108 15.29 -1.68 0.77
CA PRO A 108 16.61 -1.39 1.34
C PRO A 108 17.75 -1.92 0.50
N ASN A 109 17.53 -2.90 -0.40
CA ASN A 109 18.55 -3.39 -1.29
C ASN A 109 18.84 -2.46 -2.46
N PHE A 110 18.05 -1.40 -2.64
CA PHE A 110 18.40 -0.42 -3.68
C PHE A 110 19.50 0.48 -3.07
N THR A 111 20.73 -0.03 -3.17
CA THR A 111 21.92 0.67 -2.70
C THR A 111 22.60 1.32 -3.89
N PRO A 112 23.59 2.17 -3.66
CA PRO A 112 24.28 2.84 -4.76
C PRO A 112 24.86 1.93 -5.81
N ASP A 113 25.29 0.72 -5.47
CA ASP A 113 25.84 -0.26 -6.38
C ASP A 113 24.78 -1.15 -7.01
N HIS A 114 23.49 -1.02 -6.66
CA HIS A 114 22.49 -1.89 -7.28
C HIS A 114 22.44 -1.65 -8.78
N PRO A 115 22.33 -2.68 -9.59
CA PRO A 115 22.34 -2.51 -11.04
C PRO A 115 21.29 -1.56 -11.58
N ARG A 116 20.11 -1.53 -10.98
CA ARG A 116 19.04 -0.66 -11.46
C ARG A 116 19.29 0.78 -11.05
N ILE A 117 19.98 0.99 -9.93
CA ILE A 117 20.34 2.33 -9.49
C ILE A 117 21.48 2.82 -10.39
N GLN A 118 22.42 1.92 -10.74
CA GLN A 118 23.49 2.33 -11.65
C GLN A 118 22.94 2.71 -13.01
N ALA A 119 21.92 1.99 -13.50
CA ALA A 119 21.33 2.26 -14.80
C ALA A 119 20.37 3.45 -14.75
N LYS A 120 20.05 3.93 -13.55
CA LYS A 120 19.13 5.05 -13.38
C LYS A 120 17.77 4.72 -13.93
N THR A 121 17.32 3.49 -13.67
CA THR A 121 16.03 3.04 -14.16
C THR A 121 14.94 3.73 -13.36
N PRO A 122 13.91 4.25 -14.01
CA PRO A 122 12.81 4.91 -13.32
C PRO A 122 12.21 4.03 -12.25
N THR A 123 11.74 4.63 -11.16
CA THR A 123 11.07 4.03 -10.02
C THR A 123 12.02 3.40 -9.01
N HIS A 124 13.32 3.30 -9.32
CA HIS A 124 14.30 2.79 -8.38
C HIS A 124 15.08 3.97 -7.80
N GLU A 125 15.17 4.04 -6.48
CA GLU A 125 15.87 5.12 -5.79
C GLU A 125 16.55 4.56 -4.53
N VAL A 126 17.61 5.26 -4.13
CA VAL A 126 18.27 4.91 -2.86
C VAL A 126 17.52 5.66 -1.75
N ASN A 127 17.08 4.93 -0.73
CA ASN A 127 16.38 5.57 0.37
C ASN A 127 17.18 6.67 1.04
N VAL A 128 16.45 7.68 1.51
CA VAL A 128 17.03 8.75 2.32
C VAL A 128 16.54 8.59 3.75
N TRP A 129 17.42 8.80 4.75
CA TRP A 129 17.08 8.62 6.15
C TRP A 129 17.48 9.82 6.99
N PRO A 130 16.76 10.06 8.07
CA PRO A 130 17.13 11.13 9.00
C PRO A 130 18.42 10.76 9.71
N ASP A 131 19.00 11.74 10.41
CA ASP A 131 20.24 11.47 11.15
C ASP A 131 20.02 10.43 12.24
N GLU A 132 20.95 9.48 12.32
CA GLU A 132 20.83 8.43 13.33
C GLU A 132 20.83 8.95 14.76
N THR A 133 21.64 9.96 15.08
CA THR A 133 21.65 10.48 16.44
C THR A 133 20.35 11.18 16.80
N LYS A 134 19.63 11.74 15.83
CA LYS A 134 18.36 12.38 16.11
C LYS A 134 17.21 11.40 16.20
N HIS A 135 17.31 10.26 15.49
CA HIS A 135 16.25 9.24 15.47
C HIS A 135 16.84 7.87 15.70
N PRO A 136 17.41 7.65 16.88
CA PRO A 136 18.10 6.41 17.16
C PRO A 136 17.27 5.17 16.88
N GLY A 137 17.83 4.26 16.08
CA GLY A 137 17.19 2.99 15.79
C GLY A 137 16.10 3.06 14.74
N PHE A 138 15.75 4.26 14.26
CA PHE A 138 14.64 4.33 13.31
C PHE A 138 14.92 3.64 11.99
N GLN A 139 16.06 3.94 11.36
CA GLN A 139 16.35 3.32 10.07
C GLN A 139 16.37 1.80 10.23
N ASP A 140 17.06 1.29 11.24
CA ASP A 140 17.13 -0.18 11.39
C ASP A 140 15.76 -0.78 11.62
N PHE A 141 14.94 -0.12 12.44
CA PHE A 141 13.57 -0.58 12.65
C PHE A 141 12.78 -0.57 11.34
N ALA A 142 12.88 0.53 10.60
CA ALA A 142 12.09 0.64 9.36
C ALA A 142 12.51 -0.37 8.31
N GLU A 143 13.83 -0.63 8.18
CA GLU A 143 14.31 -1.63 7.23
C GLU A 143 13.86 -3.04 7.64
N GLN A 144 13.93 -3.34 8.95
CA GLN A 144 13.42 -4.64 9.39
C GLN A 144 11.91 -4.75 9.18
N TYR A 145 11.18 -3.63 9.33
CA TYR A 145 9.74 -3.70 9.09
C TYR A 145 9.47 -4.03 7.62
N TYR A 146 10.25 -3.43 6.72
CA TYR A 146 10.07 -3.75 5.31
C TYR A 146 10.15 -5.26 5.10
N TRP A 147 11.16 -5.94 5.69
CA TRP A 147 11.26 -7.37 5.51
C TRP A 147 10.19 -8.15 6.25
N ASP A 148 9.72 -7.63 7.39
CA ASP A 148 8.61 -8.32 8.06
C ASP A 148 7.36 -8.26 7.19
N VAL A 149 7.04 -7.09 6.65
CA VAL A 149 5.80 -7.00 5.85
C VAL A 149 5.99 -7.61 4.47
N PHE A 150 7.22 -7.70 3.97
CA PHE A 150 7.50 -8.42 2.73
C PHE A 150 7.18 -9.90 2.96
N GLY A 151 7.58 -10.44 4.11
CA GLY A 151 7.29 -11.86 4.39
C GLY A 151 5.80 -12.14 4.50
N LEU A 152 5.02 -11.26 5.15
CA LEU A 152 3.57 -11.44 5.20
C LEU A 152 3.01 -11.33 3.79
N SER A 153 3.53 -10.39 2.98
CA SER A 153 3.00 -10.20 1.62
C SER A 153 3.29 -11.41 0.75
N SER A 154 4.44 -12.05 0.92
CA SER A 154 4.72 -13.26 0.14
C SER A 154 3.71 -14.35 0.50
N ALA A 155 3.41 -14.48 1.79
CA ALA A 155 2.42 -15.46 2.21
C ALA A 155 1.05 -15.13 1.64
N LEU A 156 0.65 -13.85 1.67
CA LEU A 156 -0.63 -13.47 1.07
C LEU A 156 -0.65 -13.75 -0.43
N LEU A 157 0.47 -13.49 -1.12
CA LEU A 157 0.51 -13.79 -2.55
C LEU A 157 0.37 -15.27 -2.84
N LYS A 158 0.79 -16.17 -1.96
CA LYS A 158 0.59 -17.59 -2.13
C LYS A 158 -0.91 -17.88 -2.03
N GLY A 159 -1.60 -17.20 -1.10
CA GLY A 159 -3.05 -17.36 -0.99
C GLY A 159 -3.81 -16.86 -2.21
N TYR A 160 -3.44 -15.70 -2.75
CA TYR A 160 -4.12 -15.20 -3.96
C TYR A 160 -3.86 -16.12 -5.15
N ALA A 161 -2.64 -16.63 -5.28
CA ALA A 161 -2.35 -17.54 -6.41
C ALA A 161 -3.21 -18.81 -6.33
N LEU A 162 -3.27 -19.40 -5.15
CA LEU A 162 -4.08 -20.62 -4.98
C LEU A 162 -5.54 -20.29 -5.23
N ALA A 163 -5.99 -19.12 -4.81
CA ALA A 163 -7.38 -18.71 -4.99
C ALA A 163 -7.75 -18.64 -6.47
N LEU A 164 -6.81 -18.26 -7.34
CA LEU A 164 -7.06 -18.14 -8.77
C LEU A 164 -6.81 -19.43 -9.54
N GLY A 165 -6.59 -20.53 -8.85
CA GLY A 165 -6.37 -21.80 -9.54
C GLY A 165 -4.95 -22.00 -10.03
N LYS A 166 -4.00 -21.24 -9.48
CA LYS A 166 -2.60 -21.35 -9.89
C LYS A 166 -1.75 -22.02 -8.82
N GLU A 167 -0.49 -22.29 -9.14
CA GLU A 167 0.44 -22.83 -8.14
C GLU A 167 0.75 -21.70 -7.16
N GLU A 168 1.14 -21.99 -5.93
CA GLU A 168 1.31 -20.94 -4.93
C GLU A 168 2.39 -19.93 -5.27
N ASN A 169 3.37 -20.24 -6.11
CA ASN A 169 4.38 -19.23 -6.43
C ASN A 169 4.09 -18.38 -7.66
N PHE A 170 2.87 -18.42 -8.19
CA PHE A 170 2.50 -17.70 -9.40
C PHE A 170 2.83 -16.21 -9.37
N PHE A 171 2.55 -15.57 -8.23
CA PHE A 171 2.85 -14.17 -8.05
C PHE A 171 4.19 -14.02 -7.31
N ALA A 172 4.37 -14.82 -6.26
CA ALA A 172 5.55 -14.71 -5.42
C ALA A 172 6.87 -14.91 -6.10
N ARG A 173 6.97 -15.63 -7.22
CA ARG A 173 8.19 -15.79 -7.97
C ARG A 173 8.65 -14.48 -8.60
N HIS A 174 7.80 -13.48 -8.73
CA HIS A 174 8.11 -12.18 -9.26
C HIS A 174 8.28 -11.16 -8.13
N PHE A 175 8.16 -11.60 -6.90
CA PHE A 175 8.27 -10.71 -5.73
C PHE A 175 9.48 -11.13 -4.93
N LYS A 176 10.60 -10.49 -5.23
CA LYS A 176 11.90 -10.91 -4.71
C LYS A 176 12.63 -9.80 -3.97
N PRO A 177 13.35 -10.12 -2.92
CA PRO A 177 14.09 -9.11 -2.17
C PRO A 177 15.06 -8.29 -2.99
N ASP A 178 15.70 -8.89 -4.00
CA ASP A 178 16.71 -8.15 -4.76
C ASP A 178 16.13 -7.12 -5.70
N ASP A 179 14.86 -7.20 -6.09
CA ASP A 179 14.40 -6.19 -7.04
C ASP A 179 12.99 -5.69 -6.83
N THR A 180 12.28 -6.08 -5.78
CA THR A 180 10.91 -5.60 -5.65
C THR A 180 10.85 -4.08 -5.57
N LEU A 181 9.82 -3.55 -6.26
CA LEU A 181 9.55 -2.11 -6.28
C LEU A 181 8.56 -1.74 -5.17
N ALA A 182 8.30 -2.64 -4.21
CA ALA A 182 7.40 -2.38 -3.10
C ALA A 182 7.88 -1.21 -2.23
N SER A 183 6.90 -0.46 -1.72
CA SER A 183 7.20 0.68 -0.88
C SER A 183 6.42 0.62 0.44
N VAL A 184 6.98 1.24 1.46
CA VAL A 184 6.33 1.48 2.73
C VAL A 184 6.05 2.97 2.79
N VAL A 185 4.85 3.41 3.21
CA VAL A 185 4.59 4.82 3.41
C VAL A 185 4.13 5.00 4.86
N LEU A 186 4.82 5.88 5.59
CA LEU A 186 4.41 6.17 6.98
C LEU A 186 3.65 7.49 6.98
N ILE A 187 2.33 7.39 6.89
CA ILE A 187 1.49 8.57 6.80
C ILE A 187 0.96 9.02 8.14
N ARG A 188 1.09 10.33 8.35
CA ARG A 188 0.60 10.97 9.56
C ARG A 188 -0.63 11.80 9.17
N TYR A 189 -1.78 11.49 9.73
CA TYR A 189 -2.95 12.35 9.57
C TYR A 189 -3.14 13.03 10.91
N PRO A 190 -2.97 14.33 11.00
CA PRO A 190 -3.00 15.03 12.26
C PRO A 190 -4.36 15.45 12.78
N TYR A 191 -4.36 15.68 14.10
CA TYR A 191 -5.48 16.37 14.74
C TYR A 191 -5.11 17.85 14.62
N LEU A 192 -6.03 18.67 14.15
CA LEU A 192 -5.79 20.10 14.05
C LEU A 192 -6.98 20.89 14.60
N ASP A 193 -6.64 21.91 15.37
CA ASP A 193 -7.68 22.81 15.93
C ASP A 193 -7.25 24.18 15.47
N PRO A 194 -8.10 24.93 14.84
CA PRO A 194 -8.93 24.65 13.72
C PRO A 194 -8.34 23.80 12.60
N TYR A 195 -9.22 22.99 12.03
CA TYR A 195 -8.88 22.12 10.90
C TYR A 195 -9.23 22.96 9.66
N PRO A 196 -8.25 23.34 8.89
CA PRO A 196 -8.51 24.16 7.72
C PRO A 196 -9.40 23.49 6.68
N GLU A 197 -10.37 24.26 6.23
CA GLU A 197 -11.31 23.82 5.20
C GLU A 197 -10.63 23.52 3.89
N ALA A 198 -9.54 24.21 3.55
CA ALA A 198 -8.79 23.93 2.34
C ALA A 198 -8.20 22.52 2.33
N ALA A 199 -8.01 21.90 3.51
CA ALA A 199 -7.48 20.54 3.55
C ALA A 199 -8.57 19.49 3.56
N ILE A 200 -9.84 19.91 3.47
CA ILE A 200 -10.98 19.00 3.45
C ILE A 200 -11.64 19.04 2.08
N LYS A 201 -11.76 17.88 1.45
CA LYS A 201 -12.42 17.76 0.16
C LYS A 201 -13.85 17.32 0.38
N THR A 202 -14.72 17.52 -0.61
CA THR A 202 -16.12 17.12 -0.47
C THR A 202 -16.51 16.24 -1.65
N ALA A 203 -17.01 15.05 -1.36
CA ALA A 203 -17.43 14.12 -2.39
C ALA A 203 -18.75 14.57 -3.01
N ALA A 204 -19.12 13.95 -4.12
CA ALA A 204 -20.39 14.35 -4.76
C ALA A 204 -21.57 14.05 -3.85
N ASP A 205 -21.49 13.04 -2.99
CA ASP A 205 -22.55 12.70 -2.05
C ASP A 205 -22.54 13.52 -0.78
N GLY A 206 -21.65 14.49 -0.63
CA GLY A 206 -21.55 15.37 0.50
C GLY A 206 -20.57 14.94 1.59
N THR A 207 -20.00 13.76 1.44
CA THR A 207 -19.05 13.27 2.44
C THR A 207 -17.75 14.08 2.45
N LYS A 208 -17.30 14.47 3.64
CA LYS A 208 -16.04 15.21 3.78
C LYS A 208 -14.90 14.19 3.71
N LEU A 209 -13.92 14.51 2.85
CA LEU A 209 -12.83 13.57 2.64
C LEU A 209 -11.45 14.18 2.81
N SER A 210 -10.49 13.30 3.08
CA SER A 210 -9.10 13.68 3.09
C SER A 210 -8.43 13.22 1.80
N PHE A 211 -8.95 12.18 1.16
CA PHE A 211 -8.38 11.67 -0.09
C PHE A 211 -9.49 11.05 -0.91
N GLU A 212 -9.58 11.49 -2.18
CA GLU A 212 -10.70 11.08 -3.03
C GLU A 212 -10.63 9.65 -3.53
N TRP A 213 -11.75 9.26 -4.14
CA TRP A 213 -11.89 7.92 -4.72
C TRP A 213 -10.73 7.59 -5.63
N HIS A 214 -10.37 6.29 -5.61
CA HIS A 214 -9.28 5.81 -6.44
C HIS A 214 -9.20 4.30 -6.39
N GLU A 215 -8.48 3.74 -7.34
CA GLU A 215 -8.10 2.33 -7.32
C GLU A 215 -6.61 2.32 -6.93
N ASP A 216 -6.12 1.25 -6.31
CA ASP A 216 -4.69 1.27 -5.96
C ASP A 216 -3.76 0.94 -7.11
N VAL A 217 -2.57 1.55 -7.00
CA VAL A 217 -1.48 1.27 -7.92
C VAL A 217 -0.61 0.24 -7.14
N SER A 218 -0.93 -1.02 -7.39
CA SER A 218 -0.28 -2.14 -6.74
C SER A 218 -0.79 -3.46 -7.30
N LEU A 219 -0.15 -4.54 -6.88
CA LEU A 219 -0.68 -5.89 -7.15
C LEU A 219 -1.70 -6.13 -6.05
N ILE A 220 -1.24 -5.99 -4.80
CA ILE A 220 -2.09 -5.97 -3.61
C ILE A 220 -1.52 -4.91 -2.65
N THR A 221 -2.34 -4.42 -1.74
CA THR A 221 -1.99 -3.42 -0.73
C THR A 221 -2.18 -4.02 0.65
N VAL A 222 -1.19 -3.87 1.52
CA VAL A 222 -1.18 -4.49 2.86
C VAL A 222 -1.03 -3.35 3.87
N LEU A 223 -2.15 -2.98 4.47
CA LEU A 223 -2.25 -1.77 5.27
C LEU A 223 -2.52 -1.89 6.75
N TYR A 224 -1.70 -1.18 7.54
CA TYR A 224 -1.96 -1.04 8.96
C TYR A 224 -2.51 0.38 9.14
N GLN A 225 -3.56 0.53 9.92
CA GLN A 225 -4.08 1.82 10.31
C GLN A 225 -4.45 1.82 11.81
N SER A 226 -4.35 3.00 12.40
CA SER A 226 -4.76 3.20 13.77
C SER A 226 -6.24 2.87 13.90
N ASN A 227 -6.72 2.79 15.13
CA ASN A 227 -8.12 2.48 15.36
C ASN A 227 -9.05 3.68 15.30
N VAL A 228 -9.08 4.32 14.14
CA VAL A 228 -9.98 5.44 13.86
C VAL A 228 -10.58 5.15 12.49
N GLN A 229 -11.88 4.91 12.46
CA GLN A 229 -12.55 4.57 11.20
C GLN A 229 -12.39 5.69 10.19
N ASN A 230 -12.09 5.34 8.93
CA ASN A 230 -11.93 6.39 7.92
C ASN A 230 -12.15 5.93 6.50
N LEU A 231 -11.83 4.66 6.18
CA LEU A 231 -11.97 4.20 4.81
C LEU A 231 -13.38 3.83 4.40
N GLN A 232 -13.69 4.09 3.11
CA GLN A 232 -14.97 3.71 2.57
C GLN A 232 -14.73 2.99 1.24
N VAL A 233 -15.55 1.98 0.97
CA VAL A 233 -15.43 1.25 -0.29
C VAL A 233 -16.74 1.35 -1.09
N GLU A 234 -16.60 1.59 -2.38
CA GLU A 234 -17.77 1.66 -3.25
C GLU A 234 -18.21 0.24 -3.60
N THR A 235 -19.50 0.00 -3.35
CA THR A 235 -20.11 -1.28 -3.70
C THR A 235 -21.33 -0.97 -4.55
N ALA A 236 -22.12 -1.98 -4.90
CA ALA A 236 -23.34 -1.75 -5.69
C ALA A 236 -24.38 -1.03 -4.82
N ALA A 237 -24.28 -1.18 -3.50
CA ALA A 237 -25.15 -0.52 -2.56
C ALA A 237 -24.67 0.86 -2.13
N GLY A 238 -23.62 1.38 -2.74
CA GLY A 238 -23.10 2.69 -2.41
C GLY A 238 -21.79 2.60 -1.63
N TYR A 239 -21.29 3.75 -1.18
CA TYR A 239 -20.05 3.70 -0.39
C TYR A 239 -20.39 3.14 0.99
N GLN A 240 -19.61 2.17 1.45
CA GLN A 240 -19.84 1.58 2.75
C GLN A 240 -18.62 1.81 3.64
N ASP A 241 -18.81 1.87 4.96
CA ASP A 241 -17.66 2.12 5.83
C ASP A 241 -16.87 0.85 6.14
N ILE A 242 -15.55 0.93 6.02
CA ILE A 242 -14.70 -0.21 6.40
C ILE A 242 -14.34 0.01 7.86
N GLU A 243 -14.71 -0.95 8.70
CA GLU A 243 -14.38 -0.77 10.12
C GLU A 243 -12.87 -0.83 10.35
N ALA A 244 -12.43 -0.06 11.33
CA ALA A 244 -11.03 -0.07 11.72
C ALA A 244 -10.71 -1.33 12.51
N ASP A 245 -9.48 -1.77 12.45
CA ASP A 245 -9.00 -2.93 13.21
C ASP A 245 -7.47 -2.72 13.30
N ASP A 246 -7.01 -2.17 14.41
CA ASP A 246 -5.58 -1.91 14.56
C ASP A 246 -4.78 -3.11 15.04
N THR A 247 -5.37 -4.30 14.96
CA THR A 247 -4.65 -5.52 15.27
C THR A 247 -4.38 -6.32 13.99
N GLY A 248 -5.04 -5.94 12.91
CA GLY A 248 -4.87 -6.69 11.66
C GLY A 248 -4.38 -5.80 10.53
N TYR A 249 -4.17 -6.44 9.39
CA TYR A 249 -3.79 -5.72 8.18
C TYR A 249 -4.99 -5.76 7.20
N LEU A 250 -5.32 -4.57 6.72
CA LEU A 250 -6.40 -4.51 5.72
C LEU A 250 -5.76 -4.76 4.37
N ILE A 251 -6.33 -5.74 3.66
CA ILE A 251 -5.82 -6.18 2.38
C ILE A 251 -6.82 -5.94 1.26
N ASN A 252 -6.31 -5.48 0.11
CA ASN A 252 -7.14 -5.32 -1.08
C ASN A 252 -6.25 -5.46 -2.31
N CYS A 253 -6.87 -5.69 -3.46
CA CYS A 253 -6.17 -5.77 -4.72
C CYS A 253 -6.01 -4.39 -5.37
N GLY A 254 -4.93 -4.26 -6.14
CA GLY A 254 -4.69 -3.02 -6.90
C GLY A 254 -5.02 -3.28 -8.37
N SER A 255 -4.85 -2.27 -9.22
CA SER A 255 -5.25 -2.44 -10.61
C SER A 255 -4.36 -3.40 -11.38
N TYR A 256 -3.15 -3.74 -10.94
CA TYR A 256 -2.38 -4.77 -11.66
C TYR A 256 -3.09 -6.10 -11.48
N MET A 257 -3.61 -6.42 -10.29
CA MET A 257 -4.35 -7.67 -10.13
C MET A 257 -5.61 -7.68 -11.00
N ALA A 258 -6.29 -6.56 -11.11
CA ALA A 258 -7.51 -6.51 -11.93
C ALA A 258 -7.12 -6.77 -13.37
N HIS A 259 -5.99 -6.22 -13.81
CA HIS A 259 -5.56 -6.43 -15.19
C HIS A 259 -5.25 -7.89 -15.47
N LEU A 260 -4.47 -8.54 -14.60
CA LEU A 260 -4.05 -9.92 -14.77
C LEU A 260 -5.21 -10.90 -14.73
N THR A 261 -6.26 -10.62 -13.96
CA THR A 261 -7.38 -11.52 -13.79
C THR A 261 -8.58 -11.12 -14.66
N ASN A 262 -8.39 -10.16 -15.55
CA ASN A 262 -9.47 -9.67 -16.40
C ASN A 262 -10.67 -9.24 -15.57
N ASN A 263 -10.36 -8.48 -14.51
CA ASN A 263 -11.36 -7.98 -13.58
C ASN A 263 -12.12 -9.02 -12.81
N TYR A 264 -11.69 -10.29 -12.69
CA TYR A 264 -12.33 -11.27 -11.81
C TYR A 264 -12.13 -10.77 -10.36
N TYR A 265 -10.90 -10.34 -10.08
CA TYR A 265 -10.59 -9.71 -8.82
C TYR A 265 -10.39 -8.22 -9.17
N LYS A 266 -11.45 -7.45 -8.96
CA LYS A 266 -11.39 -6.03 -9.26
C LYS A 266 -10.58 -5.28 -8.22
N ALA A 267 -10.06 -4.12 -8.61
CA ALA A 267 -9.37 -3.23 -7.68
C ALA A 267 -10.51 -2.39 -7.09
N PRO A 268 -10.86 -2.58 -5.83
CA PRO A 268 -12.00 -1.85 -5.27
C PRO A 268 -11.75 -0.36 -5.25
N ILE A 269 -12.77 0.40 -5.61
CA ILE A 269 -12.69 1.86 -5.51
C ILE A 269 -12.96 2.23 -4.05
N HIS A 270 -12.05 3.04 -3.50
CA HIS A 270 -12.21 3.44 -2.09
C HIS A 270 -11.72 4.86 -1.91
N ARG A 271 -12.06 5.44 -0.76
CA ARG A 271 -11.68 6.83 -0.47
C ARG A 271 -11.45 6.97 1.03
N VAL A 272 -10.88 8.07 1.44
CA VAL A 272 -10.55 8.33 2.83
C VAL A 272 -11.43 9.46 3.39
N LYS A 273 -12.29 9.13 4.35
CA LYS A 273 -13.06 10.21 4.97
C LYS A 273 -12.17 11.14 5.78
N TRP A 274 -12.58 12.41 5.87
CA TRP A 274 -11.96 13.38 6.73
C TRP A 274 -12.39 13.07 8.17
N VAL A 275 -11.41 12.92 9.04
CA VAL A 275 -11.67 12.68 10.47
C VAL A 275 -10.73 13.60 11.23
N ASN A 276 -11.20 14.40 12.18
CA ASN A 276 -10.23 15.25 12.89
C ASN A 276 -9.67 14.48 14.08
N ALA A 277 -8.63 13.71 13.79
CA ALA A 277 -8.02 12.83 14.79
C ALA A 277 -6.57 12.53 14.40
N GLU A 278 -5.73 12.41 15.39
CA GLU A 278 -4.31 12.10 15.19
C GLU A 278 -4.20 10.61 14.94
N ARG A 279 -3.84 10.22 13.72
CA ARG A 279 -3.82 8.81 13.40
C ARG A 279 -2.75 8.48 12.36
N GLN A 280 -2.57 7.18 12.19
CA GLN A 280 -1.57 6.66 11.26
C GLN A 280 -2.19 5.79 10.18
N SER A 281 -1.60 5.93 8.98
CA SER A 281 -2.00 5.08 7.86
C SER A 281 -0.69 4.57 7.28
N LEU A 282 -0.41 3.28 7.40
CA LEU A 282 0.91 2.74 7.06
C LEU A 282 0.83 1.65 6.01
N PRO A 283 0.62 2.00 4.74
CA PRO A 283 0.54 1.01 3.69
C PRO A 283 1.88 0.44 3.25
N PHE A 284 1.82 -0.79 2.77
CA PHE A 284 2.90 -1.46 2.08
C PHE A 284 2.28 -1.82 0.71
N PHE A 285 2.83 -1.22 -0.32
CA PHE A 285 2.33 -1.49 -1.67
C PHE A 285 3.14 -2.62 -2.26
N VAL A 286 2.48 -3.75 -2.51
CA VAL A 286 3.14 -4.93 -3.04
C VAL A 286 3.30 -4.78 -4.55
N ASN A 287 4.51 -4.36 -4.92
CA ASN A 287 4.86 -4.16 -6.33
C ASN A 287 5.88 -5.22 -6.74
N LEU A 288 5.85 -5.63 -8.01
CA LEU A 288 6.79 -6.69 -8.45
C LEU A 288 8.08 -6.05 -8.92
N GLY A 289 8.85 -6.73 -9.75
CA GLY A 289 10.08 -6.12 -10.27
C GLY A 289 9.80 -5.30 -11.51
N TYR A 290 10.75 -4.44 -11.89
CA TYR A 290 10.56 -3.56 -13.05
C TYR A 290 10.20 -4.29 -14.34
N ASP A 291 10.86 -5.43 -14.56
CA ASP A 291 10.61 -6.18 -15.79
C ASP A 291 9.63 -7.33 -15.61
N SER A 292 9.04 -7.49 -14.43
CA SER A 292 8.07 -8.54 -14.20
C SER A 292 6.87 -8.39 -15.13
N VAL A 293 6.52 -9.47 -15.80
CA VAL A 293 5.35 -9.51 -16.67
C VAL A 293 4.63 -10.83 -16.38
N ILE A 294 3.37 -10.68 -16.03
CA ILE A 294 2.52 -11.85 -15.80
C ILE A 294 1.53 -11.86 -16.95
N ASP A 295 1.40 -13.00 -17.64
CA ASP A 295 0.46 -13.09 -18.74
C ASP A 295 -0.97 -13.11 -18.21
N PRO A 296 -1.76 -12.14 -18.67
CA PRO A 296 -3.13 -11.98 -18.23
C PRO A 296 -3.96 -13.21 -18.53
N PHE A 297 -4.86 -13.54 -17.62
CA PHE A 297 -5.72 -14.71 -17.83
C PHE A 297 -7.13 -14.39 -17.35
N ASP A 298 -8.05 -15.34 -17.49
CA ASP A 298 -9.41 -15.11 -17.00
C ASP A 298 -9.96 -16.38 -16.40
N PRO A 299 -10.06 -16.49 -15.08
CA PRO A 299 -10.57 -17.62 -14.35
C PRO A 299 -12.07 -17.86 -14.47
N ARG A 300 -12.78 -17.03 -15.22
CA ARG A 300 -14.19 -17.21 -15.49
C ARG A 300 -14.38 -17.86 -16.86
N GLU A 301 -13.33 -17.97 -17.65
CA GLU A 301 -13.45 -18.56 -18.98
C GLU A 301 -12.91 -19.98 -19.02
N PRO A 302 -13.63 -20.90 -19.66
CA PRO A 302 -13.20 -22.28 -19.76
C PRO A 302 -11.76 -22.46 -20.18
N ASN A 303 -11.27 -21.76 -21.22
CA ASN A 303 -9.87 -21.93 -21.61
C ASN A 303 -8.92 -21.02 -20.86
N GLY A 304 -9.44 -20.18 -19.97
CA GLY A 304 -8.63 -19.26 -19.19
C GLY A 304 -7.98 -18.15 -19.99
N LYS A 305 -8.33 -17.93 -21.25
CA LYS A 305 -7.70 -16.88 -22.04
C LYS A 305 -8.33 -15.50 -21.84
N SER A 306 -7.50 -14.47 -22.04
CA SER A 306 -7.95 -13.10 -21.86
C SER A 306 -7.70 -12.24 -23.09
N ASP A 307 -8.49 -11.20 -23.31
CA ASP A 307 -8.25 -10.29 -24.42
C ASP A 307 -7.50 -9.04 -23.98
N ARG A 308 -6.69 -9.17 -22.94
CA ARG A 308 -5.84 -8.09 -22.43
C ARG A 308 -4.39 -8.37 -22.80
N GLU A 309 -3.56 -7.36 -23.02
CA GLU A 309 -2.17 -7.61 -23.36
C GLU A 309 -1.26 -7.55 -22.14
N PRO A 310 -0.14 -8.26 -22.20
CA PRO A 310 0.82 -8.24 -21.11
C PRO A 310 1.34 -6.83 -20.91
N LEU A 311 1.49 -6.50 -19.63
CA LEU A 311 1.97 -5.19 -19.21
C LEU A 311 3.12 -5.38 -18.23
N SER A 312 4.28 -4.82 -18.50
CA SER A 312 5.38 -4.98 -17.53
C SER A 312 5.10 -4.13 -16.30
N TYR A 313 5.47 -4.67 -15.12
CA TYR A 313 5.19 -3.97 -13.89
C TYR A 313 5.79 -2.59 -13.79
N GLY A 314 7.02 -2.40 -14.24
CA GLY A 314 7.69 -1.10 -14.21
C GLY A 314 6.90 -0.03 -14.96
N ASP A 315 6.46 -0.35 -16.17
CA ASP A 315 5.64 0.58 -16.96
C ASP A 315 4.34 0.88 -16.22
N TYR A 316 3.66 -0.17 -15.76
CA TYR A 316 2.45 0.01 -14.98
C TYR A 316 2.67 0.96 -13.80
N LEU A 317 3.72 0.70 -13.01
CA LEU A 317 3.95 1.50 -11.82
C LEU A 317 4.28 2.96 -12.09
N GLN A 318 5.26 3.20 -12.96
CA GLN A 318 5.65 4.59 -13.23
C GLN A 318 4.46 5.42 -13.70
N ASN A 319 3.69 4.86 -14.64
CA ASN A 319 2.55 5.61 -15.16
C ASN A 319 1.42 5.68 -14.16
N GLY A 320 1.25 4.63 -13.34
CA GLY A 320 0.17 4.62 -12.36
C GLY A 320 0.40 5.68 -11.29
N LEU A 321 1.64 5.82 -10.80
CA LEU A 321 1.88 6.79 -9.73
C LEU A 321 1.70 8.22 -10.20
N VAL A 322 2.10 8.48 -11.44
CA VAL A 322 1.91 9.80 -12.02
C VAL A 322 0.41 10.08 -12.19
N SER A 323 -0.32 9.09 -12.69
CA SER A 323 -1.75 9.29 -12.90
C SER A 323 -2.50 9.54 -11.62
N LEU A 324 -2.11 8.85 -10.55
CA LEU A 324 -2.76 9.04 -9.26
C LEU A 324 -2.50 10.43 -8.72
N ILE A 325 -1.29 10.95 -8.92
CA ILE A 325 -0.99 12.34 -8.50
C ILE A 325 -1.82 13.31 -9.34
N ASN A 326 -1.93 13.04 -10.64
CA ASN A 326 -2.72 13.94 -11.48
C ASN A 326 -4.19 13.93 -11.08
N LYS A 327 -4.72 12.77 -10.73
CA LYS A 327 -6.13 12.65 -10.39
C LYS A 327 -6.48 13.19 -9.01
N ASN A 328 -5.71 12.74 -8.01
CA ASN A 328 -6.05 13.06 -6.62
C ASN A 328 -5.06 13.97 -5.92
N GLY A 329 -4.06 14.50 -6.62
CA GLY A 329 -3.17 15.46 -6.01
C GLY A 329 -1.87 14.89 -5.44
N GLN A 330 -0.86 15.78 -5.39
CA GLN A 330 0.42 15.41 -4.80
C GLN A 330 0.19 15.25 -3.30
N THR A 331 0.51 14.09 -2.77
CA THR A 331 0.39 13.88 -1.33
C THR A 331 1.62 14.42 -0.61
C1 OCV B . 5.44 4.99 -3.81
C2 OCV B . 4.41 5.76 -2.97
C3 OCV B . 3.03 5.58 -3.61
C4 OCV B . 1.96 6.39 -2.77
C7 OCV B . 0.64 6.13 -3.59
C10 OCV B . -0.47 6.81 -2.83
N11 OCV B . -1.37 6.06 -2.19
C12 OCV B . -2.53 6.56 -1.46
C13 OCV B . -2.36 6.14 -0.01
N14 OCV B . 4.80 7.26 -2.91
O15 OCV B . -0.58 8.04 -2.68
C16 OCV B . -3.80 5.90 -2.05
S17 OCV B . -3.63 4.06 -1.99
O18 OCV B . -1.38 5.69 0.51
O19 OCV B . 6.33 5.68 -4.40
O20 OCV B . 5.31 3.76 -3.88
C30 OCV B . -3.56 5.80 2.11
C31 OCV B . -4.17 6.93 2.95
C32 OCV B . -4.31 4.45 2.28
C33 OCV B . -3.49 3.26 1.68
C37 OCV B . -5.56 4.66 1.38
O42 OCV B . -4.42 8.06 2.46
O43 OCV B . -4.40 6.68 4.16
O29 OCV B . -3.49 6.27 0.71
S SO4 C . 14.47 -3.75 15.18
O1 SO4 C . 15.34 -2.76 14.50
O2 SO4 C . 14.88 -5.14 14.75
O3 SO4 C . 14.66 -3.63 16.66
O4 SO4 C . 13.02 -3.62 14.82
FE FE2 D . -5.79 3.11 -1.81
#